data_6CC4
#
_entry.id   6CC4
#
_cell.length_a   113.954
_cell.length_b   118.036
_cell.length_c   128.067
_cell.angle_alpha   90.00
_cell.angle_beta   90.00
_cell.angle_gamma   90.00
#
_symmetry.space_group_name_H-M   'C 2 2 21'
#
loop_
_entity.id
_entity.type
_entity.pdbx_description
1 polymer 'soluble cytochrome b562, lipid II flippase MurJ chimera'
2 non-polymer 'PHOSPHATE ION'
#
_entity_poly.entity_id   1
_entity_poly.type   'polypeptide(L)'
_entity_poly.pdbx_seq_one_letter_code
;MADLEDNWETLNDNLKVIEKADNAAQVKDALTKMRAAALDAQKATPPKLEDKSPDSPEMKDFRHGFDILVGQIDDALKLA
NEGKVKEAQAAAEQLKTTRNAYIQKYLKSLAAVSSMTMFSRVLGFARDAIVARIFGAGMATDAFFVAFKLPNLLRRIFAE
GAFSQAFVPILAEYKSKQGEDATRVFVSYVSGLLTLALAVVTVAGMLAAPWVIMVTAPGFADTADKFALTSQLLKITFPY
ILLISLASLVGAILNTWNRFSIPAFAPTLLNISMIGFALFAAPYFNPPVLALAWAVTVGGVLQLVYQLPHLKKIGMLVLP
RINFHDAGAMRVVKQMGPAILGVSVSQISLIINTIFASFLASGSVSWMYYADRLMEFPSGVLGVALGTILLPSLSKSFAS
GNHDEYNRLMDWGLRLCFLLALPSAVALGILSGPLTVSLFQYGKFTAFDALMTQRALIAYSVGLIGLIVVKVLAPGFYSR
QDIKTPVKIAIVTLILTQLMNLAFIGPLKHAGLSLSIGLAACLNASLLYWQLRKQKIFTPQPGWMAFLLRLVVAVLVMSG
VLLGMLHIMPEWSLGTMPWRLLRLMAVVLAGIAAYFAALAVLGFKVKEFARRTV
;
_entity_poly.pdbx_strand_id   A
#
loop_
_chem_comp.id
_chem_comp.type
_chem_comp.name
_chem_comp.formula
PO4 non-polymer 'PHOSPHATE ION' 'O4 P -3'
#
# COMPACT_ATOMS: atom_id res chain seq x y z
N ASP A 3 -26.16 -9.69 -1.32
CA ASP A 3 -25.01 -8.82 -1.14
C ASP A 3 -25.38 -7.61 -0.29
N LEU A 4 -24.43 -7.13 0.51
CA LEU A 4 -24.66 -5.94 1.32
C LEU A 4 -24.78 -4.70 0.44
N GLU A 5 -23.99 -4.63 -0.63
CA GLU A 5 -24.10 -3.49 -1.54
C GLU A 5 -25.41 -3.53 -2.32
N ASP A 6 -25.87 -4.72 -2.70
CA ASP A 6 -27.17 -4.84 -3.35
C ASP A 6 -28.29 -4.35 -2.44
N ASN A 7 -28.28 -4.83 -1.19
CA ASN A 7 -29.26 -4.37 -0.21
C ASN A 7 -29.13 -2.87 0.05
N TRP A 8 -27.91 -2.33 -0.02
CA TRP A 8 -27.70 -0.91 0.25
C TRP A 8 -28.29 -0.04 -0.86
N GLU A 9 -27.99 -0.36 -2.13
CA GLU A 9 -28.60 0.38 -3.23
C GLU A 9 -30.10 0.17 -3.27
N THR A 10 -30.57 -1.03 -2.88
CA THR A 10 -32.00 -1.25 -2.72
C THR A 10 -32.63 -0.23 -1.78
N LEU A 11 -32.08 -0.11 -0.57
CA LEU A 11 -32.64 0.81 0.42
C LEU A 11 -32.59 2.25 -0.08
N ASN A 12 -31.50 2.63 -0.75
CA ASN A 12 -31.38 4.00 -1.25
C ASN A 12 -32.43 4.29 -2.31
N ASP A 13 -32.58 3.40 -3.29
CA ASP A 13 -33.61 3.57 -4.32
C ASP A 13 -34.99 3.66 -3.67
N ASN A 14 -35.28 2.79 -2.71
CA ASN A 14 -36.58 2.81 -2.06
C ASN A 14 -36.80 4.10 -1.29
N LEU A 15 -35.75 4.64 -0.67
CA LEU A 15 -35.85 5.93 -0.01
C LEU A 15 -36.33 7.01 -0.96
N LYS A 16 -35.63 7.19 -2.08
CA LYS A 16 -36.02 8.24 -3.03
C LYS A 16 -37.40 8.00 -3.60
N VAL A 17 -37.84 6.74 -3.67
CA VAL A 17 -39.21 6.45 -4.08
C VAL A 17 -40.20 6.91 -3.02
N ILE A 18 -39.86 6.74 -1.74
CA ILE A 18 -40.78 7.14 -0.67
C ILE A 18 -40.98 8.65 -0.68
N GLU A 19 -39.90 9.41 -0.88
CA GLU A 19 -40.01 10.87 -0.84
C GLU A 19 -40.91 11.38 -1.96
N LYS A 20 -40.93 10.70 -3.10
CA LYS A 20 -41.75 11.10 -4.23
C LYS A 20 -42.92 10.14 -4.40
N ALA A 21 -43.82 10.08 -3.42
CA ALA A 21 -44.92 9.12 -3.42
C ALA A 21 -46.25 9.86 -3.26
N ASP A 22 -47.33 9.18 -3.67
CA ASP A 22 -48.65 9.78 -3.68
C ASP A 22 -49.70 9.00 -2.91
N ASN A 23 -49.59 7.67 -2.83
CA ASN A 23 -50.64 6.84 -2.26
C ASN A 23 -50.11 6.06 -1.06
N ALA A 24 -51.01 5.69 -0.15
CA ALA A 24 -50.62 4.91 1.01
C ALA A 24 -50.17 3.51 0.62
N ALA A 25 -50.72 2.97 -0.48
CA ALA A 25 -50.22 1.70 -1.00
C ALA A 25 -48.78 1.83 -1.49
N GLN A 26 -48.49 2.89 -2.24
CA GLN A 26 -47.13 3.12 -2.74
C GLN A 26 -46.14 3.33 -1.60
N VAL A 27 -46.60 3.81 -0.45
CA VAL A 27 -45.74 4.04 0.70
C VAL A 27 -45.56 2.78 1.52
N LYS A 28 -46.67 2.10 1.83
CA LYS A 28 -46.59 0.85 2.59
C LYS A 28 -45.74 -0.19 1.88
N ASP A 29 -45.84 -0.25 0.55
CA ASP A 29 -45.04 -1.21 -0.21
C ASP A 29 -43.56 -0.95 -0.04
N ALA A 30 -43.13 0.30 -0.20
CA ALA A 30 -41.71 0.61 -0.13
C ALA A 30 -41.16 0.44 1.29
N LEU A 31 -41.93 0.85 2.30
CA LEU A 31 -41.49 0.66 3.68
C LEU A 31 -41.40 -0.83 4.02
N THR A 32 -42.33 -1.63 3.49
CA THR A 32 -42.28 -3.07 3.69
C THR A 32 -41.00 -3.66 3.11
N LYS A 33 -40.73 -3.38 1.83
CA LYS A 33 -39.52 -3.88 1.19
C LYS A 33 -38.25 -3.41 1.92
N MET A 34 -38.26 -2.17 2.42
CA MET A 34 -37.09 -1.69 3.17
C MET A 34 -36.90 -2.46 4.46
N ARG A 35 -37.99 -2.80 5.14
CA ARG A 35 -37.87 -3.63 6.34
C ARG A 35 -37.21 -4.96 6.00
N ALA A 36 -37.72 -5.67 5.00
CA ALA A 36 -37.15 -6.95 4.61
C ALA A 36 -35.69 -6.81 4.22
N ALA A 37 -35.36 -5.75 3.46
CA ALA A 37 -34.00 -5.59 2.97
C ALA A 37 -33.04 -5.22 4.10
N ALA A 38 -33.49 -4.42 5.05
CA ALA A 38 -32.67 -4.10 6.22
C ALA A 38 -32.36 -5.35 7.03
N LEU A 39 -33.39 -6.18 7.28
CA LEU A 39 -33.17 -7.45 7.96
C LEU A 39 -32.11 -8.29 7.22
N ASP A 40 -32.27 -8.40 5.90
CA ASP A 40 -31.36 -9.25 5.13
C ASP A 40 -29.97 -8.64 5.04
N ALA A 41 -29.87 -7.32 5.03
CA ALA A 41 -28.56 -6.65 5.03
C ALA A 41 -27.83 -6.84 6.34
N GLN A 42 -28.55 -7.10 7.44
CA GLN A 42 -27.94 -7.37 8.74
C GLN A 42 -27.02 -8.58 8.72
N LYS A 43 -26.95 -9.32 7.61
CA LYS A 43 -26.26 -10.60 7.57
C LYS A 43 -24.85 -10.56 6.99
N ALA A 44 -24.51 -9.49 6.27
CA ALA A 44 -23.19 -9.42 5.66
C ALA A 44 -22.14 -8.99 6.67
N THR A 45 -20.94 -9.54 6.51
CA THR A 45 -19.78 -9.15 7.31
C THR A 45 -19.14 -7.93 6.64
N PRO A 46 -19.38 -6.73 7.17
CA PRO A 46 -19.09 -5.51 6.41
C PRO A 46 -17.61 -5.40 6.07
N PRO A 47 -17.25 -4.59 5.06
CA PRO A 47 -15.85 -4.57 4.60
C PRO A 47 -14.86 -4.14 5.66
N LYS A 48 -15.26 -3.29 6.61
CA LYS A 48 -14.35 -2.88 7.67
C LYS A 48 -14.11 -3.99 8.70
N LEU A 49 -14.85 -5.09 8.63
CA LEU A 49 -14.75 -6.16 9.62
C LEU A 49 -14.56 -7.53 8.96
N GLU A 50 -14.02 -7.57 7.74
CA GLU A 50 -13.85 -8.84 7.03
C GLU A 50 -13.06 -9.84 7.88
N ASP A 51 -12.06 -9.36 8.62
CA ASP A 51 -11.28 -10.24 9.49
C ASP A 51 -12.10 -10.76 10.67
N LYS A 52 -13.04 -9.96 11.17
CA LYS A 52 -13.69 -10.25 12.44
C LYS A 52 -14.64 -11.43 12.32
N SER A 53 -14.82 -12.14 13.45
CA SER A 53 -15.71 -13.28 13.58
C SER A 53 -17.16 -12.82 13.70
N PRO A 54 -18.12 -13.64 13.22
CA PRO A 54 -19.52 -13.20 13.15
C PRO A 54 -20.22 -13.07 14.50
N ASP A 55 -19.49 -13.25 15.60
CA ASP A 55 -20.09 -13.08 16.93
C ASP A 55 -19.35 -12.08 17.81
N SER A 56 -18.19 -11.59 17.38
CA SER A 56 -17.45 -10.60 18.15
C SER A 56 -18.28 -9.32 18.30
N PRO A 57 -18.02 -8.52 19.33
CA PRO A 57 -18.82 -7.31 19.57
C PRO A 57 -18.82 -6.31 18.42
N GLU A 58 -17.83 -6.37 17.52
CA GLU A 58 -17.87 -5.50 16.34
C GLU A 58 -19.06 -5.84 15.46
N MET A 59 -19.22 -7.12 15.13
CA MET A 59 -20.39 -7.55 14.38
C MET A 59 -21.68 -7.25 15.14
N LYS A 60 -21.64 -7.41 16.47
CA LYS A 60 -22.80 -7.09 17.30
C LYS A 60 -23.20 -5.63 17.13
N ASP A 61 -22.23 -4.72 17.12
CA ASP A 61 -22.53 -3.31 16.95
C ASP A 61 -23.12 -3.04 15.57
N PHE A 62 -22.51 -3.62 14.53
CA PHE A 62 -23.03 -3.52 13.17
C PHE A 62 -24.51 -3.89 13.13
N ARG A 63 -24.85 -5.08 13.65
CA ARG A 63 -26.24 -5.53 13.62
C ARG A 63 -27.15 -4.64 14.45
N HIS A 64 -26.64 -4.07 15.54
CA HIS A 64 -27.48 -3.21 16.38
C HIS A 64 -27.87 -1.93 15.65
N GLY A 65 -26.94 -1.35 14.89
CA GLY A 65 -27.31 -0.25 14.01
C GLY A 65 -28.45 -0.59 13.09
N PHE A 66 -28.37 -1.75 12.43
CA PHE A 66 -29.46 -2.18 11.56
C PHE A 66 -30.73 -2.49 12.35
N ASP A 67 -30.58 -2.92 13.61
CA ASP A 67 -31.76 -3.15 14.45
C ASP A 67 -32.53 -1.87 14.69
N ILE A 68 -31.81 -0.78 14.98
CA ILE A 68 -32.44 0.53 15.10
C ILE A 68 -33.10 0.91 13.78
N LEU A 69 -32.43 0.65 12.66
CA LEU A 69 -33.00 0.90 11.34
C LEU A 69 -34.37 0.23 11.19
N VAL A 70 -34.43 -1.07 11.51
CA VAL A 70 -35.68 -1.81 11.31
C VAL A 70 -36.75 -1.32 12.28
N GLY A 71 -36.36 -0.93 13.49
CA GLY A 71 -37.32 -0.36 14.42
C GLY A 71 -37.96 0.91 13.90
N GLN A 72 -37.14 1.80 13.32
CA GLN A 72 -37.68 3.02 12.72
C GLN A 72 -38.59 2.71 11.55
N ILE A 73 -38.23 1.72 10.73
CA ILE A 73 -39.06 1.34 9.60
C ILE A 73 -40.38 0.73 10.09
N ASP A 74 -40.36 0.08 11.25
CA ASP A 74 -41.61 -0.42 11.82
C ASP A 74 -42.52 0.72 12.24
N ASP A 75 -41.97 1.75 12.89
CA ASP A 75 -42.74 2.94 13.19
C ASP A 75 -43.32 3.57 11.94
N ALA A 76 -42.54 3.60 10.85
CA ALA A 76 -43.01 4.21 9.62
C ALA A 76 -44.10 3.38 8.96
N LEU A 77 -44.00 2.05 9.03
CA LEU A 77 -45.07 1.19 8.52
C LEU A 77 -46.34 1.37 9.31
N LYS A 78 -46.24 1.57 10.63
CA LYS A 78 -47.42 1.88 11.43
C LYS A 78 -48.03 3.20 10.98
N LEU A 79 -47.21 4.22 10.78
CA LEU A 79 -47.69 5.51 10.31
C LEU A 79 -48.42 5.38 8.97
N ALA A 80 -47.80 4.67 8.03
CA ALA A 80 -48.42 4.50 6.71
C ALA A 80 -49.70 3.68 6.79
N ASN A 81 -49.79 2.74 7.73
CA ASN A 81 -51.02 1.99 7.91
C ASN A 81 -52.14 2.87 8.44
N GLU A 82 -51.81 3.95 9.16
CA GLU A 82 -52.80 4.90 9.63
C GLU A 82 -53.11 6.00 8.61
N GLY A 83 -52.50 5.94 7.42
CA GLY A 83 -52.79 6.91 6.38
C GLY A 83 -51.95 8.18 6.43
N LYS A 84 -50.99 8.27 7.34
CA LYS A 84 -50.18 9.49 7.51
C LYS A 84 -49.05 9.46 6.49
N VAL A 85 -49.38 9.87 5.27
CA VAL A 85 -48.40 9.88 4.18
C VAL A 85 -47.24 10.82 4.51
N LYS A 86 -47.55 12.02 5.01
CA LYS A 86 -46.49 13.00 5.28
C LYS A 86 -45.61 12.55 6.45
N GLU A 87 -46.22 12.02 7.51
CA GLU A 87 -45.42 11.60 8.66
C GLU A 87 -44.60 10.35 8.34
N ALA A 88 -45.14 9.45 7.51
CA ALA A 88 -44.34 8.34 7.01
C ALA A 88 -43.12 8.85 6.24
N GLN A 89 -43.34 9.81 5.34
CA GLN A 89 -42.22 10.39 4.60
C GLN A 89 -41.21 11.03 5.55
N ALA A 90 -41.68 11.63 6.64
CA ALA A 90 -40.77 12.24 7.61
C ALA A 90 -39.88 11.19 8.25
N ALA A 91 -40.48 10.08 8.72
CA ALA A 91 -39.68 8.98 9.25
C ALA A 91 -38.67 8.48 8.23
N ALA A 92 -39.09 8.41 6.96
CA ALA A 92 -38.18 7.96 5.90
C ALA A 92 -36.98 8.88 5.79
N GLU A 93 -37.20 10.20 5.79
CA GLU A 93 -36.09 11.13 5.66
C GLU A 93 -35.20 11.16 6.90
N GLN A 94 -35.72 10.75 8.06
CA GLN A 94 -34.91 10.65 9.27
C GLN A 94 -34.19 9.33 9.41
N LEU A 95 -34.56 8.32 8.61
CA LEU A 95 -33.77 7.09 8.56
C LEU A 95 -32.31 7.35 8.22
N LYS A 96 -32.05 8.35 7.38
CA LYS A 96 -30.68 8.60 6.92
C LYS A 96 -29.76 8.97 8.08
N THR A 97 -30.31 9.55 9.15
CA THR A 97 -29.49 9.88 10.32
C THR A 97 -28.90 8.62 10.94
N THR A 98 -29.73 7.59 11.14
CA THR A 98 -29.23 6.32 11.63
C THR A 98 -28.24 5.70 10.66
N ARG A 99 -28.55 5.73 9.36
CA ARG A 99 -27.65 5.17 8.36
C ARG A 99 -26.27 5.82 8.42
N ASN A 100 -26.23 7.14 8.66
CA ASN A 100 -24.95 7.84 8.72
C ASN A 100 -24.22 7.62 10.04
N ALA A 101 -24.96 7.49 11.15
CA ALA A 101 -24.31 7.43 12.46
C ALA A 101 -23.72 6.05 12.75
N TYR A 102 -24.55 5.00 12.67
CA TYR A 102 -24.19 3.71 13.24
C TYR A 102 -23.57 2.76 12.23
N ILE A 103 -23.94 2.86 10.96
CA ILE A 103 -23.53 1.89 9.95
C ILE A 103 -22.46 2.42 9.01
N GLN A 104 -22.36 3.74 8.84
CA GLN A 104 -21.45 4.29 7.83
C GLN A 104 -19.99 4.03 8.17
N LYS A 105 -19.64 3.95 9.46
CA LYS A 105 -18.25 3.67 9.80
C LYS A 105 -17.83 2.24 9.52
N TYR A 106 -18.74 1.38 9.04
CA TYR A 106 -18.45 -0.02 8.79
C TYR A 106 -18.35 -0.34 7.30
N LEU A 107 -18.62 0.63 6.42
CA LEU A 107 -18.53 0.41 4.98
C LEU A 107 -17.19 0.87 4.42
N LYS A 108 -16.33 1.45 5.24
CA LYS A 108 -14.98 1.79 4.81
C LYS A 108 -14.17 0.51 4.63
N SER A 109 -13.29 0.53 3.64
CA SER A 109 -12.52 -0.66 3.29
C SER A 109 -11.42 -0.91 4.32
N LEU A 110 -11.15 -2.19 4.58
CA LEU A 110 -10.05 -2.55 5.47
C LEU A 110 -8.71 -2.08 4.92
N ALA A 111 -8.47 -2.27 3.62
CA ALA A 111 -7.24 -1.77 3.01
C ALA A 111 -7.18 -0.25 3.00
N ALA A 112 -8.33 0.42 2.85
CA ALA A 112 -8.34 1.87 2.80
C ALA A 112 -8.13 2.48 4.18
N VAL A 113 -8.83 1.95 5.20
CA VAL A 113 -8.62 2.41 6.57
C VAL A 113 -7.20 2.09 7.03
N SER A 114 -6.60 1.02 6.50
CA SER A 114 -5.29 0.59 7.00
C SER A 114 -4.19 1.56 6.63
N SER A 115 -4.25 2.17 5.45
CA SER A 115 -3.11 2.97 5.01
C SER A 115 -3.50 3.89 3.85
N MET A 116 -2.64 4.90 3.65
CA MET A 116 -2.54 5.66 2.41
C MET A 116 -3.74 6.57 2.14
N THR A 117 -4.09 7.38 3.12
CA THR A 117 -5.00 8.49 2.85
C THR A 117 -4.34 9.47 1.88
N MET A 118 -5.16 10.13 1.07
CA MET A 118 -4.63 11.01 0.03
C MET A 118 -3.78 12.13 0.60
N PHE A 119 -4.10 12.60 1.81
CA PHE A 119 -3.34 13.66 2.45
C PHE A 119 -1.89 13.24 2.69
N SER A 120 -1.70 12.07 3.31
CA SER A 120 -0.35 11.58 3.56
C SER A 120 0.42 11.35 2.26
N ARG A 121 -0.25 10.82 1.25
CA ARG A 121 0.37 10.66 -0.07
C ARG A 121 0.91 11.99 -0.59
N VAL A 122 0.06 13.03 -0.56
CA VAL A 122 0.50 14.35 -1.01
C VAL A 122 1.70 14.83 -0.21
N LEU A 123 1.71 14.56 1.09
CA LEU A 123 2.82 14.98 1.93
C LEU A 123 4.11 14.28 1.52
N GLY A 124 4.02 12.98 1.18
CA GLY A 124 5.20 12.26 0.75
C GLY A 124 5.76 12.81 -0.54
N PHE A 125 4.88 13.13 -1.49
CA PHE A 125 5.33 13.76 -2.74
C PHE A 125 5.96 15.11 -2.48
N ALA A 126 5.37 15.89 -1.57
CA ALA A 126 5.95 17.18 -1.22
C ALA A 126 7.34 17.01 -0.64
N ARG A 127 7.55 15.98 0.18
CA ARG A 127 8.87 15.74 0.75
C ARG A 127 9.89 15.44 -0.35
N ASP A 128 9.53 14.60 -1.30
CA ASP A 128 10.45 14.24 -2.36
C ASP A 128 10.76 15.44 -3.24
N ALA A 129 9.74 16.23 -3.57
CA ALA A 129 9.96 17.43 -4.39
C ALA A 129 10.82 18.43 -3.64
N ILE A 130 10.55 18.62 -2.34
CA ILE A 130 11.32 19.57 -1.54
C ILE A 130 12.78 19.14 -1.46
N VAL A 131 13.04 17.85 -1.22
CA VAL A 131 14.41 17.39 -1.10
C VAL A 131 15.15 17.59 -2.41
N ALA A 132 14.48 17.30 -3.53
CA ALA A 132 15.10 17.45 -4.83
C ALA A 132 15.47 18.91 -5.08
N ARG A 133 14.50 19.80 -4.84
CA ARG A 133 14.69 21.23 -5.09
C ARG A 133 15.83 21.83 -4.27
N ILE A 134 15.93 21.50 -2.99
CA ILE A 134 17.04 22.09 -2.24
C ILE A 134 18.38 21.49 -2.67
N PHE A 135 18.49 20.15 -2.70
CA PHE A 135 19.77 19.56 -3.12
C PHE A 135 19.69 18.22 -3.85
N GLY A 136 18.58 17.90 -4.51
CA GLY A 136 18.43 16.58 -5.10
C GLY A 136 19.33 16.30 -6.28
N ALA A 137 19.46 15.00 -6.58
CA ALA A 137 20.16 14.41 -7.72
C ALA A 137 21.67 14.57 -7.72
N GLY A 138 22.29 14.96 -6.61
CA GLY A 138 23.72 15.10 -6.53
C GLY A 138 24.39 13.88 -5.92
N MET A 139 25.67 14.03 -5.59
CA MET A 139 26.38 12.99 -4.86
C MET A 139 25.89 12.93 -3.42
N ALA A 140 25.48 14.07 -2.87
CA ALA A 140 24.95 14.10 -1.52
C ALA A 140 23.70 13.24 -1.40
N THR A 141 22.74 13.42 -2.31
CA THR A 141 21.53 12.61 -2.28
C THR A 141 21.81 11.15 -2.60
N ASP A 142 22.85 10.87 -3.40
CA ASP A 142 23.28 9.49 -3.56
C ASP A 142 23.69 8.89 -2.21
N ALA A 143 24.55 9.60 -1.47
CA ALA A 143 24.94 9.16 -0.14
C ALA A 143 23.72 8.93 0.76
N PHE A 144 22.81 9.91 0.79
CA PHE A 144 21.66 9.81 1.69
C PHE A 144 20.73 8.67 1.30
N PHE A 145 20.49 8.48 0.00
CA PHE A 145 19.54 7.46 -0.42
C PHE A 145 20.08 6.06 -0.15
N VAL A 146 21.36 5.84 -0.43
CA VAL A 146 22.01 4.59 -0.03
C VAL A 146 21.87 4.42 1.49
N ALA A 147 22.35 5.41 2.24
CA ALA A 147 22.26 5.37 3.70
C ALA A 147 20.84 5.09 4.17
N PHE A 148 19.85 5.65 3.47
CA PHE A 148 18.46 5.48 3.88
C PHE A 148 17.95 4.07 3.60
N LYS A 149 18.24 3.53 2.42
CA LYS A 149 17.75 2.19 2.07
C LYS A 149 18.40 1.10 2.90
N LEU A 150 19.62 1.31 3.39
CA LEU A 150 20.33 0.25 4.10
C LEU A 150 19.60 -0.22 5.36
N PRO A 151 19.13 0.66 6.25
CA PRO A 151 18.31 0.17 7.36
C PRO A 151 16.90 -0.22 6.95
N ASN A 152 16.39 0.28 5.83
CA ASN A 152 15.07 -0.12 5.38
C ASN A 152 15.05 -1.57 4.90
N LEU A 153 16.22 -2.13 4.58
CA LEU A 153 16.32 -3.56 4.34
C LEU A 153 16.19 -4.35 5.64
N LEU A 154 16.80 -3.85 6.71
CA LEU A 154 16.85 -4.59 7.97
C LEU A 154 15.50 -4.56 8.70
N ARG A 155 14.72 -3.49 8.54
CA ARG A 155 13.38 -3.46 9.12
C ARG A 155 12.49 -4.55 8.54
N ARG A 156 12.76 -4.99 7.31
CA ARG A 156 11.96 -6.06 6.70
C ARG A 156 12.11 -7.39 7.41
N ILE A 157 13.31 -7.69 7.93
CA ILE A 157 13.49 -8.95 8.65
C ILE A 157 13.00 -8.84 10.09
N PHE A 158 13.21 -7.69 10.73
CA PHE A 158 12.76 -7.53 12.11
C PHE A 158 11.30 -7.10 12.23
N ALA A 159 10.92 -6.02 11.54
CA ALA A 159 9.62 -5.38 11.82
C ALA A 159 8.46 -5.98 11.02
N GLU A 160 8.42 -5.73 9.71
CA GLU A 160 7.20 -6.01 8.96
C GLU A 160 7.08 -7.47 8.54
N GLY A 161 8.18 -8.10 8.11
CA GLY A 161 8.07 -9.45 7.59
C GLY A 161 7.90 -10.56 8.60
N ALA A 162 8.94 -10.81 9.40
CA ALA A 162 8.90 -11.90 10.36
C ALA A 162 7.87 -11.68 11.47
N PHE A 163 7.65 -10.43 11.90
CA PHE A 163 6.66 -10.20 12.94
C PHE A 163 5.22 -10.31 12.45
N SER A 164 4.94 -9.94 11.20
CA SER A 164 3.61 -10.26 10.66
C SER A 164 3.43 -11.76 10.54
N GLN A 165 4.51 -12.50 10.26
CA GLN A 165 4.43 -13.97 10.27
C GLN A 165 4.10 -14.49 11.66
N ALA A 166 4.69 -13.90 12.70
CA ALA A 166 4.68 -14.48 14.03
C ALA A 166 3.78 -13.74 15.02
N PHE A 167 4.00 -12.44 15.21
CA PHE A 167 3.33 -11.72 16.29
C PHE A 167 1.84 -11.56 16.05
N VAL A 168 1.44 -11.29 14.80
CA VAL A 168 0.04 -10.93 14.54
C VAL A 168 -0.95 -12.03 14.94
N PRO A 169 -0.73 -13.31 14.63
CA PRO A 169 -1.71 -14.32 15.07
C PRO A 169 -1.62 -14.70 16.54
N ILE A 170 -0.40 -14.71 17.10
CA ILE A 170 -0.23 -15.11 18.49
C ILE A 170 -0.88 -14.09 19.42
N LEU A 171 -0.86 -12.81 19.05
CA LEU A 171 -1.51 -11.79 19.86
C LEU A 171 -3.01 -12.01 19.91
N ALA A 172 -3.62 -12.41 18.79
CA ALA A 172 -5.04 -12.73 18.78
C ALA A 172 -5.34 -13.93 19.67
N GLU A 173 -4.50 -14.97 19.58
CA GLU A 173 -4.67 -16.14 20.45
C GLU A 173 -4.68 -15.73 21.92
N TYR A 174 -3.68 -14.96 22.34
CA TYR A 174 -3.63 -14.47 23.71
C TYR A 174 -4.87 -13.64 24.05
N LYS A 175 -5.31 -12.80 23.12
CA LYS A 175 -6.45 -11.94 23.37
C LYS A 175 -7.73 -12.74 23.64
N SER A 176 -7.88 -13.88 22.97
CA SER A 176 -9.09 -14.70 23.14
C SER A 176 -8.89 -15.80 24.18
N LYS A 177 -8.01 -16.76 23.90
CA LYS A 177 -7.96 -17.97 24.71
C LYS A 177 -7.30 -17.76 26.07
N GLN A 178 -6.35 -16.84 26.17
CA GLN A 178 -5.51 -16.73 27.36
C GLN A 178 -5.95 -15.63 28.32
N GLY A 179 -6.99 -14.87 27.98
CA GLY A 179 -7.41 -13.79 28.84
C GLY A 179 -6.58 -12.54 28.64
N GLU A 180 -7.12 -11.42 29.12
CA GLU A 180 -6.53 -10.11 28.83
C GLU A 180 -5.22 -9.92 29.58
N ASP A 181 -5.14 -10.37 30.84
CA ASP A 181 -4.02 -9.97 31.69
C ASP A 181 -2.72 -10.66 31.28
N ALA A 182 -2.79 -11.92 30.85
CA ALA A 182 -1.57 -12.61 30.43
C ALA A 182 -0.95 -11.97 29.20
N THR A 183 -1.77 -11.39 28.33
CA THR A 183 -1.26 -10.76 27.13
C THR A 183 -0.31 -9.61 27.46
N ARG A 184 -0.58 -8.89 28.56
CA ARG A 184 0.31 -7.84 29.01
C ARG A 184 1.73 -8.35 29.20
N VAL A 185 1.88 -9.41 30.00
CA VAL A 185 3.21 -9.98 30.25
C VAL A 185 3.80 -10.54 28.97
N PHE A 186 2.99 -11.21 28.16
CA PHE A 186 3.43 -11.69 26.86
C PHE A 186 4.07 -10.58 26.03
N VAL A 187 3.37 -9.47 25.88
CA VAL A 187 3.89 -8.35 25.10
C VAL A 187 5.12 -7.75 25.79
N SER A 188 5.12 -7.72 27.13
CA SER A 188 6.27 -7.20 27.86
C SER A 188 7.56 -7.90 27.44
N TYR A 189 7.56 -9.23 27.43
CA TYR A 189 8.80 -9.94 27.11
C TYR A 189 9.11 -9.91 25.62
N VAL A 190 8.08 -9.98 24.76
CA VAL A 190 8.31 -9.87 23.33
C VAL A 190 8.96 -8.53 22.98
N SER A 191 8.37 -7.44 23.47
CA SER A 191 8.93 -6.12 23.22
C SER A 191 10.32 -5.99 23.83
N GLY A 192 10.53 -6.58 25.00
CA GLY A 192 11.85 -6.53 25.62
C GLY A 192 12.93 -7.17 24.76
N LEU A 193 12.71 -8.42 24.36
CA LEU A 193 13.71 -9.11 23.55
C LEU A 193 13.89 -8.45 22.19
N LEU A 194 12.82 -7.88 21.62
CA LEU A 194 12.95 -7.13 20.38
C LEU A 194 13.86 -5.93 20.57
N THR A 195 13.61 -5.13 21.61
CA THR A 195 14.44 -3.96 21.87
C THR A 195 15.90 -4.35 22.03
N LEU A 196 16.15 -5.47 22.73
CA LEU A 196 17.53 -5.91 22.96
C LEU A 196 18.21 -6.28 21.64
N ALA A 197 17.58 -7.17 20.87
CA ALA A 197 18.19 -7.61 19.61
C ALA A 197 18.37 -6.45 18.65
N LEU A 198 17.41 -5.52 18.62
CA LEU A 198 17.55 -4.34 17.77
C LEU A 198 18.71 -3.46 18.24
N ALA A 199 18.91 -3.35 19.56
CA ALA A 199 20.02 -2.55 20.06
C ALA A 199 21.36 -3.15 19.66
N VAL A 200 21.48 -4.49 19.76
CA VAL A 200 22.67 -5.17 19.27
C VAL A 200 22.91 -4.81 17.80
N VAL A 201 21.86 -4.88 16.99
CA VAL A 201 22.01 -4.67 15.55
C VAL A 201 22.44 -3.24 15.25
N THR A 202 21.77 -2.26 15.88
CA THR A 202 22.09 -0.86 15.59
C THR A 202 23.49 -0.49 16.08
N VAL A 203 23.88 -1.00 17.25
CA VAL A 203 25.21 -0.71 17.78
C VAL A 203 26.29 -1.29 16.87
N ALA A 204 26.12 -2.56 16.47
CA ALA A 204 27.07 -3.18 15.57
C ALA A 204 27.11 -2.47 14.22
N GLY A 205 25.94 -2.08 13.70
CA GLY A 205 25.90 -1.42 12.41
C GLY A 205 26.54 -0.05 12.42
N MET A 206 26.27 0.75 13.46
CA MET A 206 26.97 2.02 13.61
C MET A 206 28.48 1.83 13.73
N LEU A 207 28.90 0.85 14.54
CA LEU A 207 30.33 0.65 14.77
C LEU A 207 31.04 0.23 13.50
N ALA A 208 30.47 -0.72 12.76
CA ALA A 208 31.10 -1.29 11.58
C ALA A 208 30.52 -0.72 10.28
N ALA A 209 30.02 0.52 10.33
CA ALA A 209 29.42 1.13 9.15
C ALA A 209 30.35 1.20 7.94
N PRO A 210 31.64 1.52 8.06
CA PRO A 210 32.49 1.53 6.84
C PRO A 210 32.49 0.20 6.10
N TRP A 211 32.68 -0.91 6.82
CA TRP A 211 32.59 -2.23 6.20
C TRP A 211 31.24 -2.45 5.55
N VAL A 212 30.17 -1.95 6.17
CA VAL A 212 28.84 -2.08 5.59
C VAL A 212 28.76 -1.40 4.23
N ILE A 213 29.33 -0.19 4.11
CA ILE A 213 29.28 0.52 2.83
C ILE A 213 30.11 -0.22 1.78
N MET A 214 31.30 -0.71 2.16
CA MET A 214 32.09 -1.54 1.25
C MET A 214 31.25 -2.66 0.66
N VAL A 215 30.62 -3.46 1.53
CA VAL A 215 29.85 -4.62 1.08
C VAL A 215 28.62 -4.19 0.28
N THR A 216 28.09 -2.99 0.55
CA THR A 216 26.88 -2.54 -0.12
C THR A 216 27.16 -1.80 -1.42
N ALA A 217 27.90 -0.70 -1.35
CA ALA A 217 28.10 0.19 -2.50
C ALA A 217 29.58 0.52 -2.61
N PRO A 218 30.39 -0.41 -3.14
CA PRO A 218 31.85 -0.21 -3.07
C PRO A 218 32.37 0.78 -4.08
N GLY A 219 31.60 1.12 -5.12
CA GLY A 219 32.11 1.96 -6.19
C GLY A 219 32.38 3.39 -5.79
N PHE A 220 31.96 3.79 -4.59
CA PHE A 220 32.02 5.21 -4.23
C PHE A 220 33.45 5.69 -4.05
N ALA A 221 34.37 4.79 -3.68
CA ALA A 221 35.77 5.16 -3.57
C ALA A 221 36.35 5.65 -4.89
N ASP A 222 35.67 5.38 -6.01
CA ASP A 222 36.06 5.99 -7.28
C ASP A 222 35.89 7.51 -7.22
N THR A 223 34.79 7.97 -6.63
CA THR A 223 34.58 9.37 -6.34
C THR A 223 35.29 9.75 -5.04
N ALA A 224 35.62 11.04 -4.91
CA ALA A 224 36.35 11.54 -3.75
C ALA A 224 35.37 12.01 -2.68
N ASP A 225 35.52 11.47 -1.47
CA ASP A 225 34.81 11.79 -0.22
C ASP A 225 33.46 11.09 -0.16
N LYS A 226 33.07 10.33 -1.18
CA LYS A 226 31.76 9.68 -1.17
C LYS A 226 31.64 8.71 0.00
N PHE A 227 32.73 8.01 0.32
CA PHE A 227 32.72 7.02 1.38
C PHE A 227 32.45 7.66 2.73
N ALA A 228 33.16 8.74 3.05
CA ALA A 228 33.04 9.36 4.37
C ALA A 228 31.63 9.89 4.61
N LEU A 229 31.01 10.48 3.59
CA LEU A 229 29.64 10.96 3.75
C LEU A 229 28.67 9.81 3.93
N THR A 230 28.79 8.75 3.14
CA THR A 230 27.84 7.65 3.22
C THR A 230 27.94 6.94 4.56
N SER A 231 29.16 6.82 5.11
CA SER A 231 29.33 6.15 6.39
C SER A 231 28.81 7.03 7.52
N GLN A 232 29.11 8.33 7.48
CA GLN A 232 28.57 9.25 8.48
C GLN A 232 27.06 9.25 8.48
N LEU A 233 26.44 9.28 7.29
CA LEU A 233 24.98 9.27 7.21
C LEU A 233 24.42 7.94 7.71
N LEU A 234 25.09 6.82 7.42
CA LEU A 234 24.61 5.53 7.91
C LEU A 234 24.70 5.44 9.42
N LYS A 235 25.77 5.97 10.01
CA LYS A 235 25.84 6.04 11.47
C LYS A 235 24.68 6.85 12.04
N ILE A 236 24.29 7.91 11.35
CA ILE A 236 23.22 8.76 11.83
C ILE A 236 21.86 8.06 11.71
N THR A 237 21.63 7.35 10.61
CA THR A 237 20.29 6.85 10.29
C THR A 237 20.07 5.39 10.70
N PHE A 238 21.07 4.72 11.25
CA PHE A 238 20.86 3.34 11.68
C PHE A 238 19.90 3.18 12.86
N PRO A 239 19.96 4.03 13.93
CA PRO A 239 18.97 3.88 15.01
C PRO A 239 17.52 3.81 14.55
N TYR A 240 17.26 4.25 13.31
CA TYR A 240 15.89 4.34 12.82
C TYR A 240 15.18 2.99 12.82
N ILE A 241 15.91 1.88 12.67
CA ILE A 241 15.26 0.57 12.67
C ILE A 241 14.80 0.21 14.06
N LEU A 242 15.63 0.46 15.08
CA LEU A 242 15.20 0.21 16.45
C LEU A 242 13.98 1.07 16.77
N LEU A 243 13.89 2.25 16.17
CA LEU A 243 12.72 3.10 16.33
C LEU A 243 11.51 2.53 15.59
N ILE A 244 11.69 2.15 14.33
CA ILE A 244 10.54 1.87 13.49
C ILE A 244 9.99 0.46 13.72
N SER A 245 10.85 -0.48 14.15
CA SER A 245 10.36 -1.81 14.48
C SER A 245 9.49 -1.77 15.73
N LEU A 246 9.90 -0.99 16.73
CA LEU A 246 9.05 -0.79 17.90
C LEU A 246 7.76 -0.09 17.53
N ALA A 247 7.84 0.94 16.69
CA ALA A 247 6.65 1.64 16.22
C ALA A 247 5.72 0.68 15.45
N SER A 248 6.29 -0.20 14.63
CA SER A 248 5.49 -1.19 13.93
C SER A 248 4.77 -2.11 14.91
N LEU A 249 5.50 -2.62 15.91
CA LEU A 249 4.88 -3.44 16.95
C LEU A 249 3.70 -2.74 17.59
N VAL A 250 3.93 -1.52 18.10
CA VAL A 250 2.84 -0.74 18.69
C VAL A 250 1.71 -0.54 17.68
N GLY A 251 2.06 -0.35 16.41
CA GLY A 251 1.05 -0.24 15.37
C GLY A 251 0.16 -1.46 15.32
N ALA A 252 0.75 -2.66 15.33
CA ALA A 252 -0.04 -3.88 15.22
C ALA A 252 -0.95 -4.04 16.43
N ILE A 253 -0.44 -3.73 17.62
CA ILE A 253 -1.24 -3.86 18.84
C ILE A 253 -2.43 -2.91 18.79
N LEU A 254 -2.17 -1.63 18.49
CA LEU A 254 -3.24 -0.66 18.36
C LEU A 254 -4.21 -1.02 17.23
N ASN A 255 -3.74 -1.76 16.23
CA ASN A 255 -4.65 -2.28 15.21
C ASN A 255 -5.59 -3.33 15.78
N THR A 256 -5.04 -4.29 16.54
CA THR A 256 -5.87 -5.36 17.11
C THR A 256 -7.01 -4.82 17.96
N TRP A 257 -6.72 -3.87 18.85
CA TRP A 257 -7.74 -3.41 19.78
C TRP A 257 -8.58 -2.25 19.24
N ASN A 258 -7.93 -1.14 18.91
CA ASN A 258 -8.68 0.09 18.67
C ASN A 258 -8.60 0.50 17.20
N ARG A 259 -8.83 1.79 16.93
CA ARG A 259 -8.89 2.29 15.57
C ARG A 259 -7.64 1.93 14.79
N PHE A 260 -7.84 1.56 13.52
CA PHE A 260 -6.74 1.25 12.61
C PHE A 260 -6.06 2.50 12.06
N SER A 261 -6.65 3.68 12.26
CA SER A 261 -6.18 4.88 11.56
C SER A 261 -4.99 5.51 12.25
N ILE A 262 -4.95 5.52 13.58
CA ILE A 262 -3.84 6.14 14.29
C ILE A 262 -2.50 5.50 13.94
N PRO A 263 -2.37 4.17 13.89
CA PRO A 263 -1.10 3.60 13.38
C PRO A 263 -0.79 3.97 11.94
N ALA A 264 -1.81 4.26 11.13
CA ALA A 264 -1.57 4.63 9.73
C ALA A 264 -0.99 6.03 9.60
N PHE A 265 -1.28 6.93 10.55
CA PHE A 265 -0.74 8.29 10.47
C PHE A 265 0.77 8.32 10.59
N ALA A 266 1.39 7.32 11.22
CA ALA A 266 2.80 7.42 11.61
C ALA A 266 3.75 7.77 10.46
N PRO A 267 3.63 7.20 9.25
CA PRO A 267 4.50 7.65 8.14
C PRO A 267 4.51 9.15 7.92
N THR A 268 3.39 9.84 8.18
CA THR A 268 3.33 11.29 8.01
C THR A 268 4.34 12.00 8.90
N LEU A 269 4.73 11.38 10.02
CA LEU A 269 5.69 12.02 10.91
C LEU A 269 7.08 12.03 10.30
N LEU A 270 7.50 10.93 9.68
CA LEU A 270 8.73 10.95 8.89
C LEU A 270 8.64 12.01 7.81
N ASN A 271 7.52 12.06 7.10
CA ASN A 271 7.34 13.06 6.04
C ASN A 271 7.48 14.46 6.59
N ILE A 272 6.71 14.80 7.63
CA ILE A 272 6.74 16.13 8.21
C ILE A 272 8.14 16.48 8.68
N SER A 273 8.74 15.60 9.48
CA SER A 273 10.10 15.83 9.97
C SER A 273 11.05 16.14 8.82
N MET A 274 11.01 15.37 7.75
CA MET A 274 11.94 15.57 6.64
C MET A 274 11.72 16.93 5.99
N ILE A 275 10.47 17.32 5.73
CA ILE A 275 10.23 18.54 4.96
C ILE A 275 10.63 19.77 5.78
N GLY A 276 10.22 19.83 7.04
CA GLY A 276 10.60 20.97 7.88
C GLY A 276 12.09 21.02 8.13
N PHE A 277 12.71 19.87 8.39
CA PHE A 277 14.14 19.81 8.63
C PHE A 277 14.91 20.26 7.41
N ALA A 278 14.47 19.83 6.21
CA ALA A 278 15.14 20.23 4.98
C ALA A 278 15.08 21.74 4.76
N LEU A 279 13.89 22.34 4.98
CA LEU A 279 13.76 23.78 4.79
C LEU A 279 14.59 24.56 5.80
N PHE A 280 14.44 24.25 7.08
CA PHE A 280 14.94 25.12 8.15
C PHE A 280 16.26 24.70 8.75
N ALA A 281 16.86 23.58 8.31
CA ALA A 281 18.07 23.10 8.95
C ALA A 281 19.22 22.90 7.96
N ALA A 282 18.89 22.59 6.71
CA ALA A 282 19.92 22.43 5.68
C ALA A 282 20.90 23.59 5.58
N PRO A 283 20.50 24.86 5.73
CA PRO A 283 21.51 25.93 5.82
C PRO A 283 22.47 25.79 7.00
N TYR A 284 22.07 25.11 8.06
CA TYR A 284 22.84 25.03 9.30
C TYR A 284 23.94 23.96 9.28
N PHE A 285 23.76 22.89 8.52
CA PHE A 285 24.70 21.77 8.51
C PHE A 285 25.60 21.80 7.28
N ASN A 286 26.89 21.57 7.48
CA ASN A 286 27.81 21.50 6.35
C ASN A 286 28.60 20.21 6.52
N PRO A 287 28.48 19.24 5.60
CA PRO A 287 27.67 19.30 4.38
C PRO A 287 26.19 19.40 4.78
N PRO A 288 25.27 19.64 3.86
CA PRO A 288 23.89 19.86 4.32
C PRO A 288 23.05 18.59 4.35
N VAL A 289 23.46 17.56 3.61
CA VAL A 289 22.70 16.32 3.56
C VAL A 289 22.52 15.75 4.96
N LEU A 290 23.34 16.21 5.93
CA LEU A 290 23.24 15.66 7.28
C LEU A 290 21.85 15.90 7.82
N ALA A 291 21.33 17.11 7.63
CA ALA A 291 20.00 17.48 8.07
C ALA A 291 19.02 16.34 7.80
N LEU A 292 18.91 15.99 6.52
CA LEU A 292 18.11 14.84 6.08
C LEU A 292 18.29 13.65 7.00
N ALA A 293 19.55 13.27 7.23
CA ALA A 293 19.82 12.07 8.04
C ALA A 293 19.26 12.24 9.44
N TRP A 294 19.58 13.37 10.10
CA TRP A 294 18.95 13.65 11.39
C TRP A 294 17.44 13.69 11.26
N ALA A 295 16.93 14.35 10.21
CA ALA A 295 15.50 14.37 9.93
C ALA A 295 14.88 12.98 9.98
N VAL A 296 15.61 11.97 9.48
CA VAL A 296 15.10 10.60 9.56
C VAL A 296 14.94 10.19 11.01
N THR A 297 16.04 10.21 11.77
CA THR A 297 16.00 9.72 13.14
C THR A 297 15.05 10.55 14.00
N VAL A 298 15.13 11.88 13.88
CA VAL A 298 14.18 12.76 14.56
C VAL A 298 12.75 12.39 14.22
N GLY A 299 12.50 11.99 12.97
CA GLY A 299 11.18 11.52 12.60
C GLY A 299 10.82 10.22 13.28
N GLY A 300 11.76 9.28 13.33
CA GLY A 300 11.48 7.96 13.89
C GLY A 300 10.95 8.03 15.30
N VAL A 301 11.68 8.72 16.19
CA VAL A 301 11.23 8.95 17.56
C VAL A 301 9.76 9.36 17.60
N LEU A 302 9.38 10.34 16.78
CA LEU A 302 8.01 10.83 16.83
C LEU A 302 7.01 9.73 16.49
N GLN A 303 7.28 8.95 15.43
CA GLN A 303 6.41 7.84 15.07
C GLN A 303 6.12 6.95 16.27
N LEU A 304 7.15 6.65 17.06
CA LEU A 304 6.95 5.84 18.26
C LEU A 304 6.16 6.61 19.31
N VAL A 305 6.66 7.79 19.68
CA VAL A 305 6.09 8.56 20.79
C VAL A 305 4.69 9.08 20.48
N TYR A 306 4.28 9.02 19.21
CA TYR A 306 2.92 9.40 18.85
C TYR A 306 1.90 8.32 19.22
N GLN A 307 2.28 7.05 19.18
CA GLN A 307 1.34 5.96 19.42
C GLN A 307 1.35 5.45 20.85
N LEU A 308 2.38 5.81 21.64
CA LEU A 308 2.42 5.37 23.03
C LEU A 308 1.22 5.85 23.86
N PRO A 309 0.83 7.14 23.83
CA PRO A 309 -0.29 7.57 24.68
C PRO A 309 -1.57 6.79 24.44
N HIS A 310 -1.95 6.55 23.18
CA HIS A 310 -3.17 5.80 22.94
C HIS A 310 -3.06 4.37 23.45
N LEU A 311 -1.83 3.84 23.52
CA LEU A 311 -1.65 2.50 24.06
C LEU A 311 -2.05 2.44 25.52
N LYS A 312 -1.84 3.54 26.26
CA LYS A 312 -2.15 3.56 27.69
C LYS A 312 -3.62 3.26 27.95
N LYS A 313 -4.50 3.82 27.12
CA LYS A 313 -5.94 3.68 27.33
C LYS A 313 -6.42 2.24 27.22
N ILE A 314 -5.85 1.46 26.29
CA ILE A 314 -6.31 0.08 26.13
C ILE A 314 -5.58 -0.83 27.11
N GLY A 315 -4.84 -0.24 28.06
CA GLY A 315 -4.09 -1.02 29.01
C GLY A 315 -3.12 -1.97 28.31
N MET A 316 -2.23 -1.41 27.49
CA MET A 316 -1.22 -2.22 26.82
C MET A 316 0.15 -1.54 26.81
N LEU A 317 0.38 -0.53 27.66
CA LEU A 317 1.67 0.13 27.69
C LEU A 317 2.73 -0.82 28.23
N VAL A 318 3.71 -1.12 27.39
CA VAL A 318 4.68 -2.17 27.68
C VAL A 318 5.68 -1.67 28.71
N LEU A 319 6.07 -2.55 29.62
CA LEU A 319 7.24 -2.36 30.46
C LEU A 319 8.27 -3.38 30.01
N PRO A 320 8.94 -3.14 28.86
CA PRO A 320 9.71 -4.21 28.19
C PRO A 320 10.67 -4.95 29.09
N ARG A 321 10.35 -6.21 29.39
CA ARG A 321 11.15 -7.05 30.25
C ARG A 321 12.02 -7.96 29.38
N ILE A 322 13.33 -7.92 29.59
CA ILE A 322 14.29 -8.64 28.77
C ILE A 322 14.75 -9.93 29.44
N ASN A 323 14.21 -10.24 30.61
CA ASN A 323 14.78 -11.27 31.47
C ASN A 323 14.44 -12.69 31.06
N PHE A 324 13.44 -12.90 30.20
CA PHE A 324 13.11 -14.24 29.73
C PHE A 324 13.81 -14.50 28.41
N HIS A 325 15.07 -14.94 28.51
CA HIS A 325 15.84 -15.25 27.32
C HIS A 325 15.33 -16.52 26.65
N ASP A 326 14.99 -17.53 27.45
CA ASP A 326 14.60 -18.85 26.95
C ASP A 326 13.09 -19.03 26.83
N ALA A 327 12.34 -18.71 27.90
CA ALA A 327 10.92 -19.04 27.92
C ALA A 327 10.10 -18.13 27.01
N GLY A 328 10.29 -16.82 27.14
CA GLY A 328 9.48 -15.89 26.37
C GLY A 328 9.79 -15.86 24.90
N ALA A 329 11.05 -16.14 24.54
CA ALA A 329 11.47 -16.03 23.13
C ALA A 329 10.77 -17.07 22.25
N MET A 330 10.79 -18.33 22.66
CA MET A 330 10.61 -19.43 21.72
C MET A 330 9.25 -19.39 21.04
N ARG A 331 8.18 -19.03 21.77
CA ARG A 331 6.84 -19.14 21.22
C ARG A 331 6.69 -18.30 19.95
N VAL A 332 7.49 -17.25 19.81
CA VAL A 332 7.48 -16.41 18.63
C VAL A 332 8.71 -16.63 17.75
N VAL A 333 9.86 -17.00 18.32
CA VAL A 333 11.06 -17.21 17.53
C VAL A 333 10.96 -18.47 16.66
N LYS A 334 10.11 -19.44 17.02
CA LYS A 334 9.93 -20.58 16.13
C LYS A 334 9.30 -20.16 14.82
N GLN A 335 8.29 -19.29 14.89
CA GLN A 335 7.67 -18.76 13.69
C GLN A 335 8.69 -17.99 12.86
N MET A 336 9.56 -17.23 13.53
CA MET A 336 10.59 -16.45 12.84
C MET A 336 11.57 -17.33 12.07
N GLY A 337 11.96 -18.47 12.64
CA GLY A 337 12.94 -19.33 12.01
C GLY A 337 12.65 -19.77 10.60
N PRO A 338 11.46 -20.33 10.37
CA PRO A 338 11.07 -20.63 8.99
C PRO A 338 10.90 -19.41 8.09
N ALA A 339 10.40 -18.30 8.64
CA ALA A 339 10.21 -17.10 7.82
C ALA A 339 11.51 -16.42 7.40
N ILE A 340 12.56 -16.46 8.23
CA ILE A 340 13.75 -15.66 7.94
C ILE A 340 14.42 -16.05 6.64
N LEU A 341 14.21 -17.27 6.14
CA LEU A 341 14.81 -17.67 4.88
C LEU A 341 14.23 -16.87 3.71
N GLY A 342 12.90 -16.96 3.52
CA GLY A 342 12.26 -16.16 2.48
C GLY A 342 12.48 -14.67 2.62
N VAL A 343 12.56 -14.19 3.86
CA VAL A 343 12.70 -12.75 4.08
C VAL A 343 14.12 -12.27 3.78
N SER A 344 15.13 -13.02 4.24
CA SER A 344 16.51 -12.57 4.06
C SER A 344 16.96 -12.64 2.61
N VAL A 345 16.61 -13.73 1.90
CA VAL A 345 17.00 -13.88 0.50
C VAL A 345 16.57 -12.67 -0.31
N SER A 346 15.36 -12.17 -0.05
CA SER A 346 14.82 -11.05 -0.83
C SER A 346 15.69 -9.80 -0.70
N GLN A 347 16.18 -9.54 0.51
CA GLN A 347 17.02 -8.36 0.73
C GLN A 347 18.37 -8.51 0.02
N ILE A 348 18.94 -9.72 0.03
CA ILE A 348 20.23 -9.96 -0.62
C ILE A 348 20.25 -9.39 -2.03
N SER A 349 19.14 -9.55 -2.77
CA SER A 349 19.11 -9.12 -4.16
C SER A 349 19.16 -7.60 -4.26
N LEU A 350 18.40 -6.89 -3.43
CA LEU A 350 18.38 -5.43 -3.48
C LEU A 350 19.72 -4.85 -3.06
N ILE A 351 20.42 -5.52 -2.13
CA ILE A 351 21.82 -5.17 -1.86
C ILE A 351 22.64 -5.27 -3.15
N ILE A 352 22.56 -6.41 -3.83
CA ILE A 352 23.35 -6.61 -5.05
C ILE A 352 22.99 -5.58 -6.10
N ASN A 353 21.74 -5.11 -6.11
CA ASN A 353 21.35 -4.09 -7.09
C ASN A 353 22.01 -2.76 -6.77
N THR A 354 22.11 -2.40 -5.49
CA THR A 354 22.86 -1.21 -5.11
C THR A 354 24.36 -1.40 -5.38
N ILE A 355 24.86 -2.63 -5.30
CA ILE A 355 26.24 -2.91 -5.71
C ILE A 355 26.43 -2.51 -7.16
N PHE A 356 25.61 -3.06 -8.05
CA PHE A 356 25.63 -2.69 -9.47
C PHE A 356 25.55 -1.19 -9.66
N ALA A 357 24.67 -0.51 -8.91
CA ALA A 357 24.47 0.92 -9.08
C ALA A 357 25.64 1.74 -8.56
N SER A 358 26.52 1.16 -7.75
CA SER A 358 27.64 1.92 -7.21
C SER A 358 28.64 2.28 -8.30
N PHE A 359 28.89 1.37 -9.23
CA PHE A 359 29.91 1.56 -10.26
C PHE A 359 29.43 2.44 -11.40
N LEU A 360 28.32 3.15 -11.25
CA LEU A 360 27.79 3.97 -12.33
C LEU A 360 28.15 5.45 -12.11
N ALA A 361 27.43 6.34 -12.79
CA ALA A 361 27.67 7.77 -12.69
C ALA A 361 26.96 8.37 -11.48
N SER A 362 27.57 9.41 -10.92
CA SER A 362 27.04 10.04 -9.72
C SER A 362 25.65 10.62 -9.98
N GLY A 363 24.65 10.09 -9.30
CA GLY A 363 23.26 10.39 -9.57
C GLY A 363 22.43 9.22 -10.02
N SER A 364 23.07 8.11 -10.42
CA SER A 364 22.33 6.92 -10.85
C SER A 364 21.39 6.44 -9.74
N VAL A 365 21.90 6.30 -8.53
CA VAL A 365 21.07 5.89 -7.40
C VAL A 365 19.93 6.88 -7.19
N SER A 366 20.25 8.18 -7.23
CA SER A 366 19.23 9.20 -6.95
C SER A 366 18.17 9.25 -8.05
N TRP A 367 18.60 9.13 -9.31
CA TRP A 367 17.63 9.05 -10.40
C TRP A 367 16.70 7.85 -10.22
N MET A 368 17.28 6.69 -9.95
CA MET A 368 16.48 5.50 -9.71
C MET A 368 15.51 5.69 -8.54
N TYR A 369 15.96 6.35 -7.47
CA TYR A 369 15.11 6.54 -6.30
C TYR A 369 13.95 7.47 -6.58
N TYR A 370 14.17 8.55 -7.32
CA TYR A 370 13.09 9.47 -7.62
C TYR A 370 12.06 8.83 -8.55
N ALA A 371 12.53 8.06 -9.54
CA ALA A 371 11.60 7.34 -10.39
C ALA A 371 10.81 6.32 -9.59
N ASP A 372 11.48 5.61 -8.67
CA ASP A 372 10.78 4.71 -7.76
C ASP A 372 9.74 5.46 -6.94
N ARG A 373 10.05 6.69 -6.54
CA ARG A 373 9.11 7.45 -5.72
C ARG A 373 7.88 7.86 -6.52
N LEU A 374 8.06 8.13 -7.82
CA LEU A 374 6.92 8.43 -8.68
C LEU A 374 6.03 7.21 -8.83
N MET A 375 6.64 6.05 -9.05
CA MET A 375 5.88 4.82 -9.29
C MET A 375 5.08 4.41 -8.06
N GLU A 376 5.67 4.50 -6.87
CA GLU A 376 4.99 4.14 -5.63
C GLU A 376 3.52 4.57 -5.57
N PHE A 377 3.19 5.72 -6.16
CA PHE A 377 1.82 6.23 -6.06
C PHE A 377 0.81 5.35 -6.78
N PRO A 378 0.96 5.07 -8.08
CA PRO A 378 0.00 4.15 -8.72
C PRO A 378 0.07 2.74 -8.17
N SER A 379 1.25 2.27 -7.76
CA SER A 379 1.36 0.94 -7.17
C SER A 379 0.48 0.84 -5.93
N GLY A 380 0.62 1.80 -5.00
CA GLY A 380 -0.24 1.81 -3.82
C GLY A 380 -1.71 1.92 -4.17
N VAL A 381 -2.06 2.88 -5.05
CA VAL A 381 -3.46 3.10 -5.40
C VAL A 381 -4.08 1.83 -5.97
N LEU A 382 -3.46 1.30 -7.04
CA LEU A 382 -3.96 0.06 -7.64
C LEU A 382 -3.95 -1.07 -6.62
N GLY A 383 -2.91 -1.15 -5.79
CA GLY A 383 -2.85 -2.18 -4.77
C GLY A 383 -4.05 -2.16 -3.83
N VAL A 384 -4.37 -0.98 -3.30
CA VAL A 384 -5.43 -0.91 -2.30
C VAL A 384 -6.79 -1.09 -2.96
N ALA A 385 -6.96 -0.57 -4.18
CA ALA A 385 -8.24 -0.73 -4.88
C ALA A 385 -8.54 -2.19 -5.13
N LEU A 386 -7.57 -2.93 -5.67
CA LEU A 386 -7.75 -4.36 -5.89
C LEU A 386 -7.85 -5.12 -4.58
N GLY A 387 -7.24 -4.60 -3.50
CA GLY A 387 -7.30 -5.27 -2.22
C GLY A 387 -8.57 -5.04 -1.43
N THR A 388 -9.47 -4.19 -1.91
CA THR A 388 -10.81 -4.08 -1.35
C THR A 388 -11.88 -4.68 -2.23
N ILE A 389 -11.73 -4.62 -3.54
CA ILE A 389 -12.74 -5.17 -4.45
C ILE A 389 -12.67 -6.69 -4.47
N LEU A 390 -11.51 -7.23 -4.86
CA LEU A 390 -11.39 -8.64 -5.21
C LEU A 390 -10.83 -9.51 -4.09
N LEU A 391 -9.73 -9.07 -3.46
CA LEU A 391 -9.03 -9.92 -2.48
C LEU A 391 -9.93 -10.41 -1.34
N PRO A 392 -10.76 -9.59 -0.69
CA PRO A 392 -11.62 -10.14 0.38
C PRO A 392 -12.56 -11.22 -0.13
N SER A 393 -13.17 -11.01 -1.29
CA SER A 393 -14.06 -12.02 -1.87
C SER A 393 -13.33 -13.34 -2.10
N LEU A 394 -12.09 -13.29 -2.58
CA LEU A 394 -11.31 -14.50 -2.76
C LEU A 394 -11.00 -15.16 -1.42
N SER A 395 -10.73 -14.35 -0.38
CA SER A 395 -10.54 -14.91 0.96
C SER A 395 -11.75 -15.74 1.37
N LYS A 396 -12.95 -15.17 1.24
CA LYS A 396 -14.17 -15.89 1.56
C LYS A 396 -14.28 -17.17 0.73
N SER A 397 -14.21 -17.05 -0.59
CA SER A 397 -14.43 -18.18 -1.49
C SER A 397 -13.33 -19.23 -1.40
N PHE A 398 -12.22 -18.95 -0.72
CA PHE A 398 -11.28 -20.01 -0.39
C PHE A 398 -11.61 -20.68 0.93
N ALA A 399 -12.03 -19.89 1.93
CA ALA A 399 -12.30 -20.44 3.24
C ALA A 399 -13.43 -21.46 3.20
N SER A 400 -14.51 -21.14 2.49
CA SER A 400 -15.71 -21.98 2.50
C SER A 400 -15.80 -22.91 1.31
N GLY A 401 -16.16 -22.36 0.14
CA GLY A 401 -16.43 -23.17 -1.04
C GLY A 401 -15.20 -23.79 -1.68
N ASN A 402 -15.48 -24.71 -2.59
CA ASN A 402 -14.47 -25.42 -3.38
C ASN A 402 -14.09 -24.59 -4.60
N HIS A 403 -13.31 -25.20 -5.50
CA HIS A 403 -12.64 -24.47 -6.57
C HIS A 403 -13.60 -23.64 -7.44
N ASP A 404 -14.66 -24.27 -7.96
CA ASP A 404 -15.50 -23.64 -9.00
C ASP A 404 -15.73 -22.15 -8.78
N GLU A 405 -16.24 -21.76 -7.61
CA GLU A 405 -16.46 -20.34 -7.36
C GLU A 405 -15.14 -19.59 -7.30
N TYR A 406 -14.20 -20.12 -6.52
CA TYR A 406 -12.87 -19.54 -6.37
C TYR A 406 -12.20 -19.33 -7.72
N ASN A 407 -12.35 -20.29 -8.63
CA ASN A 407 -11.75 -20.18 -9.96
C ASN A 407 -12.40 -19.05 -10.75
N ARG A 408 -13.73 -19.03 -10.83
CA ARG A 408 -14.42 -17.99 -11.57
C ARG A 408 -14.09 -16.61 -11.01
N LEU A 409 -13.98 -16.50 -9.68
CA LEU A 409 -13.58 -15.24 -9.07
C LEU A 409 -12.17 -14.84 -9.50
N MET A 410 -11.22 -15.76 -9.37
CA MET A 410 -9.82 -15.47 -9.69
C MET A 410 -9.65 -15.08 -11.16
N ASP A 411 -10.46 -15.64 -12.05
CA ASP A 411 -10.36 -15.26 -13.46
C ASP A 411 -10.87 -13.85 -13.69
N TRP A 412 -12.01 -13.50 -13.09
CA TRP A 412 -12.47 -12.11 -13.13
C TRP A 412 -11.41 -11.17 -12.58
N GLY A 413 -10.71 -11.59 -11.53
CA GLY A 413 -9.71 -10.73 -10.93
C GLY A 413 -8.48 -10.57 -11.81
N LEU A 414 -8.07 -11.65 -12.48
CA LEU A 414 -6.98 -11.54 -13.44
C LEU A 414 -7.36 -10.66 -14.62
N ARG A 415 -8.64 -10.66 -15.02
CA ARG A 415 -9.09 -9.68 -15.98
C ARG A 415 -8.94 -8.27 -15.43
N LEU A 416 -9.35 -8.07 -14.18
CA LEU A 416 -9.34 -6.74 -13.57
C LEU A 416 -7.92 -6.21 -13.44
N CYS A 417 -6.96 -7.09 -13.13
CA CYS A 417 -5.56 -6.68 -12.99
C CYS A 417 -5.07 -5.96 -14.24
N PHE A 418 -5.18 -6.62 -15.39
CA PHE A 418 -4.77 -6.00 -16.65
C PHE A 418 -5.57 -4.72 -16.92
N LEU A 419 -6.89 -4.79 -16.73
CA LEU A 419 -7.76 -3.67 -17.06
C LEU A 419 -7.36 -2.40 -16.31
N LEU A 420 -6.88 -2.53 -15.08
CA LEU A 420 -6.50 -1.35 -14.29
C LEU A 420 -5.01 -1.03 -14.33
N ALA A 421 -4.15 -2.00 -14.62
CA ALA A 421 -2.72 -1.81 -14.53
C ALA A 421 -2.07 -1.50 -15.87
N LEU A 422 -2.42 -2.26 -16.91
CA LEU A 422 -1.87 -2.04 -18.24
C LEU A 422 -2.06 -0.60 -18.73
N PRO A 423 -3.26 0.02 -18.65
CA PRO A 423 -3.35 1.47 -18.89
C PRO A 423 -2.37 2.27 -18.05
N SER A 424 -2.52 2.19 -16.72
CA SER A 424 -1.70 2.97 -15.81
C SER A 424 -0.22 2.85 -16.14
N ALA A 425 0.23 1.62 -16.45
CA ALA A 425 1.64 1.41 -16.81
C ALA A 425 2.02 2.23 -18.04
N VAL A 426 1.28 2.07 -19.13
CA VAL A 426 1.68 2.74 -20.37
C VAL A 426 1.38 4.23 -20.27
N ALA A 427 0.38 4.63 -19.48
CA ALA A 427 0.10 6.05 -19.30
C ALA A 427 1.22 6.74 -18.55
N LEU A 428 1.79 6.08 -17.54
CA LEU A 428 2.97 6.62 -16.87
C LEU A 428 4.18 6.61 -17.78
N GLY A 429 4.30 5.59 -18.63
CA GLY A 429 5.32 5.61 -19.67
C GLY A 429 5.26 6.87 -20.51
N ILE A 430 4.07 7.20 -21.02
CA ILE A 430 3.91 8.40 -21.83
C ILE A 430 4.25 9.64 -21.02
N LEU A 431 3.49 9.88 -19.95
CA LEU A 431 3.59 11.10 -19.16
C LEU A 431 4.75 11.07 -18.17
N SER A 432 5.74 10.21 -18.39
CA SER A 432 6.95 10.23 -17.57
C SER A 432 7.62 11.59 -17.61
N GLY A 433 7.91 12.09 -18.81
CA GLY A 433 8.54 13.39 -18.98
C GLY A 433 7.79 14.51 -18.28
N PRO A 434 6.53 14.72 -18.67
CA PRO A 434 5.70 15.71 -17.96
C PRO A 434 5.74 15.59 -16.44
N LEU A 435 5.70 14.38 -15.89
CA LEU A 435 5.63 14.22 -14.44
C LEU A 435 6.94 14.62 -13.77
N THR A 436 8.06 14.09 -14.27
CA THR A 436 9.35 14.36 -13.64
C THR A 436 9.71 15.84 -13.73
N VAL A 437 9.44 16.48 -14.86
CA VAL A 437 9.75 17.90 -15.00
C VAL A 437 8.84 18.74 -14.12
N SER A 438 7.53 18.45 -14.14
CA SER A 438 6.59 19.28 -13.40
C SER A 438 6.81 19.17 -11.90
N LEU A 439 6.93 17.94 -11.40
CA LEU A 439 7.15 17.70 -9.97
C LEU A 439 8.55 18.06 -9.50
N PHE A 440 9.58 17.69 -10.26
CA PHE A 440 10.97 17.85 -9.78
C PHE A 440 11.81 18.95 -10.41
N GLN A 441 11.37 19.66 -11.44
CA GLN A 441 12.28 20.65 -12.01
C GLN A 441 12.25 21.91 -11.17
N TYR A 442 13.37 22.19 -10.52
CA TYR A 442 13.59 23.33 -9.63
C TYR A 442 15.10 23.48 -9.48
N GLY A 443 15.51 24.45 -8.66
CA GLY A 443 16.93 24.71 -8.52
C GLY A 443 17.69 23.52 -7.96
N LYS A 444 18.82 23.19 -8.56
CA LYS A 444 19.73 22.08 -8.24
C LYS A 444 19.22 20.77 -8.83
N PHE A 445 18.05 20.76 -9.46
CA PHE A 445 17.56 19.60 -10.20
C PHE A 445 17.52 20.11 -11.63
N THR A 446 18.42 19.63 -12.46
CA THR A 446 18.52 20.16 -13.80
C THR A 446 17.53 19.40 -14.69
N ALA A 447 17.51 19.71 -15.99
CA ALA A 447 16.67 18.96 -16.91
C ALA A 447 17.27 17.57 -17.11
N PHE A 448 18.60 17.48 -17.08
CA PHE A 448 19.27 16.20 -17.26
C PHE A 448 18.80 15.22 -16.18
N ASP A 449 18.71 15.68 -14.93
CA ASP A 449 18.31 14.81 -13.83
C ASP A 449 16.89 14.31 -14.07
N ALA A 450 16.00 15.20 -14.54
CA ALA A 450 14.65 14.79 -14.89
C ALA A 450 14.66 13.85 -16.08
N LEU A 451 15.61 14.04 -17.01
CA LEU A 451 15.66 13.14 -18.15
C LEU A 451 16.11 11.74 -17.75
N MET A 452 17.12 11.63 -16.89
CA MET A 452 17.54 10.31 -16.41
C MET A 452 16.47 9.67 -15.54
N THR A 453 15.86 10.45 -14.65
CA THR A 453 14.76 9.92 -13.86
C THR A 453 13.63 9.47 -14.77
N GLN A 454 13.44 10.15 -15.91
CA GLN A 454 12.42 9.73 -16.86
C GLN A 454 12.81 8.43 -17.54
N ARG A 455 14.11 8.26 -17.84
CA ARG A 455 14.57 7.02 -18.48
C ARG A 455 14.44 5.84 -17.52
N ALA A 456 14.43 6.10 -16.21
CA ALA A 456 14.21 5.07 -15.22
C ALA A 456 12.73 4.82 -15.00
N LEU A 457 11.91 5.86 -15.08
CA LEU A 457 10.47 5.68 -14.92
C LEU A 457 9.89 4.84 -16.06
N ILE A 458 10.35 5.06 -17.30
CA ILE A 458 9.99 4.17 -18.40
C ILE A 458 10.28 2.73 -18.02
N ALA A 459 11.46 2.49 -17.46
CA ALA A 459 11.89 1.13 -17.17
C ALA A 459 11.11 0.52 -16.02
N TYR A 460 10.82 1.32 -14.99
CA TYR A 460 10.06 0.82 -13.84
C TYR A 460 8.59 0.57 -14.19
N SER A 461 8.08 1.20 -15.25
CA SER A 461 6.66 1.10 -15.56
C SER A 461 6.21 -0.34 -15.78
N VAL A 462 7.07 -1.17 -16.39
CA VAL A 462 6.67 -2.53 -16.75
C VAL A 462 6.30 -3.33 -15.52
N GLY A 463 7.00 -3.11 -14.40
CA GLY A 463 6.75 -3.85 -13.19
C GLY A 463 5.40 -3.61 -12.54
N LEU A 464 4.70 -2.56 -12.94
CA LEU A 464 3.43 -2.21 -12.29
C LEU A 464 2.41 -3.34 -12.43
N ILE A 465 2.14 -3.76 -13.67
CA ILE A 465 1.17 -4.81 -13.92
C ILE A 465 1.60 -6.11 -13.23
N GLY A 466 2.87 -6.48 -13.37
CA GLY A 466 3.34 -7.71 -12.77
C GLY A 466 3.23 -7.70 -11.25
N LEU A 467 3.47 -6.54 -10.65
CA LEU A 467 3.40 -6.43 -9.19
C LEU A 467 1.99 -6.62 -8.68
N ILE A 468 1.00 -6.01 -9.33
CA ILE A 468 -0.38 -6.15 -8.88
C ILE A 468 -0.89 -7.57 -9.14
N VAL A 469 -0.46 -8.21 -10.22
CA VAL A 469 -0.83 -9.61 -10.45
C VAL A 469 -0.26 -10.50 -9.35
N VAL A 470 0.95 -10.18 -8.89
CA VAL A 470 1.53 -10.88 -7.75
C VAL A 470 0.66 -10.68 -6.51
N LYS A 471 0.20 -9.45 -6.28
CA LYS A 471 -0.71 -9.18 -5.18
C LYS A 471 -1.95 -10.07 -5.22
N VAL A 472 -2.44 -10.39 -6.43
CA VAL A 472 -3.60 -11.26 -6.54
C VAL A 472 -3.22 -12.71 -6.30
N LEU A 473 -2.09 -13.16 -6.84
CA LEU A 473 -1.81 -14.58 -6.91
C LEU A 473 -1.18 -15.14 -5.65
N ALA A 474 -0.37 -14.34 -4.95
CA ALA A 474 0.25 -14.79 -3.71
C ALA A 474 -0.76 -15.28 -2.68
N PRO A 475 -1.87 -14.57 -2.39
CA PRO A 475 -2.85 -15.09 -1.42
C PRO A 475 -3.27 -16.53 -1.65
N GLY A 476 -3.34 -16.97 -2.90
CA GLY A 476 -3.77 -18.33 -3.18
C GLY A 476 -2.83 -19.37 -2.59
N PHE A 477 -1.52 -19.11 -2.66
CA PHE A 477 -0.58 -20.01 -2.00
C PHE A 477 -0.57 -19.83 -0.49
N TYR A 478 -0.52 -18.59 0.00
CA TYR A 478 -0.50 -18.40 1.46
C TYR A 478 -1.75 -18.98 2.10
N SER A 479 -2.85 -19.05 1.35
CA SER A 479 -4.07 -19.63 1.89
C SER A 479 -3.88 -21.12 2.18
N ARG A 480 -3.17 -21.83 1.31
CA ARG A 480 -2.78 -23.21 1.60
C ARG A 480 -1.76 -23.20 2.74
N GLN A 481 -2.11 -23.88 3.83
CA GLN A 481 -1.39 -23.71 5.10
C GLN A 481 0.10 -24.04 4.99
N ASP A 482 0.47 -25.07 4.23
CA ASP A 482 1.88 -25.48 4.23
C ASP A 482 2.56 -25.46 2.87
N ILE A 483 2.11 -24.62 1.94
CA ILE A 483 2.79 -24.52 0.65
C ILE A 483 3.85 -23.43 0.77
N LYS A 484 5.10 -23.83 0.65
CA LYS A 484 6.23 -22.92 0.74
C LYS A 484 7.07 -23.14 -0.51
N THR A 485 6.53 -22.63 -1.60
CA THR A 485 7.04 -22.56 -2.96
C THR A 485 7.44 -21.10 -3.21
N PRO A 486 6.56 -20.08 -2.89
CA PRO A 486 6.93 -18.68 -3.17
C PRO A 486 8.38 -18.37 -2.89
N VAL A 487 8.92 -19.00 -1.84
CA VAL A 487 10.34 -18.86 -1.53
C VAL A 487 11.18 -19.34 -2.70
N LYS A 488 10.84 -20.52 -3.25
CA LYS A 488 11.56 -21.03 -4.40
C LYS A 488 11.40 -20.11 -5.60
N ILE A 489 10.16 -19.62 -5.82
CA ILE A 489 9.90 -18.69 -6.91
C ILE A 489 10.68 -17.40 -6.69
N ALA A 490 10.76 -16.94 -5.45
CA ALA A 490 11.54 -15.74 -5.14
C ALA A 490 13.01 -15.95 -5.42
N ILE A 491 13.56 -17.10 -5.04
CA ILE A 491 14.98 -17.37 -5.28
C ILE A 491 15.26 -17.41 -6.77
N VAL A 492 14.37 -18.04 -7.54
CA VAL A 492 14.49 -18.04 -9.00
C VAL A 492 14.42 -16.61 -9.53
N THR A 493 13.47 -15.83 -9.02
CA THR A 493 13.31 -14.45 -9.47
C THR A 493 14.57 -13.63 -9.22
N LEU A 494 15.24 -13.85 -8.08
CA LEU A 494 16.42 -13.05 -7.75
C LEU A 494 17.61 -13.44 -8.62
N ILE A 495 17.80 -14.74 -8.88
CA ILE A 495 18.84 -15.16 -9.81
C ILE A 495 18.58 -14.56 -11.19
N LEU A 496 17.33 -14.64 -11.65
CA LEU A 496 16.99 -14.07 -12.95
C LEU A 496 17.21 -12.56 -12.96
N THR A 497 16.89 -11.90 -11.84
CA THR A 497 17.09 -10.46 -11.76
C THR A 497 18.56 -10.09 -11.89
N GLN A 498 19.45 -10.83 -11.22
CA GLN A 498 20.87 -10.51 -11.32
C GLN A 498 21.42 -10.79 -12.71
N LEU A 499 20.89 -11.80 -13.40
CA LEU A 499 21.34 -12.06 -14.77
C LEU A 499 20.84 -10.98 -15.70
N MET A 500 19.60 -10.51 -15.50
CA MET A 500 19.06 -9.42 -16.31
C MET A 500 19.85 -8.13 -16.10
N ASN A 501 20.26 -7.83 -14.86
CA ASN A 501 21.05 -6.63 -14.64
C ASN A 501 22.39 -6.74 -15.37
N LEU A 502 23.10 -7.85 -15.18
CA LEU A 502 24.31 -8.12 -15.95
C LEU A 502 24.14 -7.77 -17.43
N ALA A 503 23.02 -8.21 -18.02
CA ALA A 503 22.79 -7.97 -19.43
C ALA A 503 22.42 -6.51 -19.71
N PHE A 504 21.62 -5.92 -18.82
CA PHE A 504 21.01 -4.62 -19.06
C PHE A 504 21.85 -3.43 -18.63
N ILE A 505 22.90 -3.64 -17.85
CA ILE A 505 23.66 -2.50 -17.34
C ILE A 505 24.50 -1.85 -18.43
N GLY A 506 25.16 -2.65 -19.25
CA GLY A 506 26.00 -2.15 -20.32
C GLY A 506 25.29 -1.22 -21.29
N PRO A 507 24.25 -1.72 -21.96
CA PRO A 507 23.55 -0.89 -22.95
C PRO A 507 22.73 0.23 -22.32
N LEU A 508 22.07 -0.03 -21.20
CA LEU A 508 21.01 0.84 -20.70
C LEU A 508 21.38 1.63 -19.46
N LYS A 509 22.62 1.51 -18.98
CA LYS A 509 23.06 2.18 -17.75
C LYS A 509 22.13 1.89 -16.58
N HIS A 510 21.82 2.91 -15.78
CA HIS A 510 20.96 2.70 -14.61
C HIS A 510 19.55 2.30 -15.02
N ALA A 511 19.12 2.68 -16.23
CA ALA A 511 17.78 2.27 -16.68
C ALA A 511 17.71 0.77 -16.87
N GLY A 512 18.85 0.13 -17.11
CA GLY A 512 18.88 -1.32 -17.22
C GLY A 512 18.55 -1.98 -15.90
N LEU A 513 19.22 -1.54 -14.82
CA LEU A 513 18.92 -2.05 -13.49
C LEU A 513 17.46 -1.78 -13.11
N SER A 514 16.86 -0.74 -13.68
CA SER A 514 15.47 -0.43 -13.38
C SER A 514 14.52 -1.30 -14.19
N LEU A 515 14.79 -1.45 -15.50
CA LEU A 515 13.97 -2.30 -16.35
C LEU A 515 14.04 -3.75 -15.91
N SER A 516 15.15 -4.15 -15.29
CA SER A 516 15.27 -5.50 -14.77
C SER A 516 14.32 -5.74 -13.61
N ILE A 517 14.16 -4.75 -12.72
CA ILE A 517 13.17 -4.89 -11.66
C ILE A 517 11.77 -4.92 -12.25
N GLY A 518 11.53 -4.10 -13.28
CA GLY A 518 10.21 -4.08 -13.91
C GLY A 518 9.86 -5.41 -14.54
N LEU A 519 10.80 -6.00 -15.28
CA LEU A 519 10.57 -7.31 -15.87
C LEU A 519 10.53 -8.41 -14.81
N ALA A 520 11.22 -8.21 -13.68
CA ALA A 520 11.26 -9.26 -12.66
C ALA A 520 9.94 -9.40 -11.94
N ALA A 521 9.21 -8.29 -11.74
CA ALA A 521 7.88 -8.38 -11.15
C ALA A 521 6.96 -9.20 -12.04
N CYS A 522 6.99 -8.96 -13.34
CA CYS A 522 6.20 -9.75 -14.28
C CYS A 522 6.61 -11.22 -14.28
N LEU A 523 7.91 -11.49 -14.11
CA LEU A 523 8.36 -12.88 -14.05
C LEU A 523 7.90 -13.56 -12.77
N ASN A 524 7.95 -12.85 -11.64
CA ASN A 524 7.38 -13.37 -10.40
C ASN A 524 5.93 -13.75 -10.60
N ALA A 525 5.13 -12.84 -11.16
CA ALA A 525 3.72 -13.12 -11.41
C ALA A 525 3.55 -14.32 -12.34
N SER A 526 4.38 -14.40 -13.39
CA SER A 526 4.23 -15.48 -14.37
C SER A 526 4.56 -16.83 -13.75
N LEU A 527 5.58 -16.88 -12.89
CA LEU A 527 5.93 -18.14 -12.23
C LEU A 527 4.87 -18.56 -11.23
N LEU A 528 4.33 -17.60 -10.47
CA LEU A 528 3.21 -17.92 -9.58
C LEU A 528 2.00 -18.41 -10.37
N TYR A 529 1.78 -17.87 -11.57
CA TYR A 529 0.65 -18.31 -12.38
C TYR A 529 0.90 -19.71 -12.92
N TRP A 530 2.09 -19.96 -13.46
CA TRP A 530 2.40 -21.29 -13.99
C TRP A 530 2.41 -22.33 -12.88
N GLN A 531 2.78 -21.94 -11.65
CA GLN A 531 2.66 -22.84 -10.51
C GLN A 531 1.24 -22.94 -9.99
N LEU A 532 0.39 -21.94 -10.29
CA LEU A 532 -1.02 -21.99 -9.93
C LEU A 532 -1.83 -22.86 -10.88
N ARG A 533 -1.36 -23.04 -12.12
CA ARG A 533 -2.07 -23.85 -13.10
C ARG A 533 -1.44 -25.21 -13.36
N LYS A 534 -0.19 -25.43 -12.94
CA LYS A 534 0.38 -26.76 -12.97
C LYS A 534 0.09 -27.55 -11.70
N GLN A 535 -0.28 -26.87 -10.62
CA GLN A 535 -0.72 -27.52 -9.40
C GLN A 535 -2.21 -27.86 -9.40
N LYS A 536 -2.94 -27.45 -10.44
CA LYS A 536 -4.37 -27.73 -10.62
C LYS A 536 -5.23 -26.93 -9.65
N ILE A 537 -4.67 -25.92 -8.98
CA ILE A 537 -5.46 -25.11 -8.06
C ILE A 537 -6.50 -24.29 -8.83
N PHE A 538 -6.15 -23.83 -10.02
CA PHE A 538 -7.05 -23.00 -10.82
C PHE A 538 -6.90 -23.34 -12.29
N THR A 539 -8.02 -23.25 -13.00
CA THR A 539 -8.08 -23.50 -14.44
C THR A 539 -8.66 -22.25 -15.09
N PRO A 540 -7.98 -21.65 -16.06
CA PRO A 540 -8.43 -20.36 -16.60
C PRO A 540 -9.77 -20.48 -17.31
N GLN A 541 -10.59 -19.44 -17.17
CA GLN A 541 -11.88 -19.43 -17.81
C GLN A 541 -11.70 -19.17 -19.30
N PRO A 542 -12.70 -19.46 -20.13
CA PRO A 542 -12.56 -19.20 -21.56
C PRO A 542 -12.94 -17.78 -21.94
N GLY A 543 -12.49 -17.36 -23.12
CA GLY A 543 -12.81 -16.06 -23.64
C GLY A 543 -11.80 -14.95 -23.40
N TRP A 544 -10.59 -15.26 -22.94
CA TRP A 544 -9.60 -14.22 -22.72
C TRP A 544 -9.13 -13.56 -24.01
N MET A 545 -8.90 -14.36 -25.06
CA MET A 545 -8.28 -13.81 -26.26
C MET A 545 -9.03 -12.57 -26.76
N ALA A 546 -10.35 -12.68 -26.89
CA ALA A 546 -11.14 -11.53 -27.29
C ALA A 546 -11.00 -10.39 -26.29
N PHE A 547 -11.07 -10.70 -25.00
CA PHE A 547 -10.97 -9.67 -23.96
C PHE A 547 -9.62 -8.97 -24.00
N LEU A 548 -8.53 -9.72 -24.16
CA LEU A 548 -7.21 -9.11 -24.23
C LEU A 548 -7.10 -8.17 -25.43
N LEU A 549 -7.65 -8.58 -26.57
CA LEU A 549 -7.57 -7.74 -27.76
C LEU A 549 -8.40 -6.46 -27.58
N ARG A 550 -9.56 -6.57 -26.94
CA ARG A 550 -10.34 -5.38 -26.61
C ARG A 550 -9.54 -4.44 -25.72
N LEU A 551 -8.86 -4.98 -24.71
CA LEU A 551 -8.06 -4.15 -23.81
C LEU A 551 -6.88 -3.51 -24.55
N VAL A 552 -6.28 -4.25 -25.48
CA VAL A 552 -5.23 -3.68 -26.32
C VAL A 552 -5.73 -2.46 -27.07
N VAL A 553 -6.93 -2.57 -27.66
CA VAL A 553 -7.48 -1.46 -28.44
C VAL A 553 -7.76 -0.26 -27.54
N ALA A 554 -8.35 -0.50 -26.38
CA ALA A 554 -8.68 0.61 -25.48
C ALA A 554 -7.42 1.30 -24.97
N VAL A 555 -6.38 0.53 -24.65
CA VAL A 555 -5.14 1.12 -24.18
C VAL A 555 -4.46 1.89 -25.31
N LEU A 556 -4.53 1.36 -26.53
CA LEU A 556 -4.00 2.09 -27.68
C LEU A 556 -4.74 3.40 -27.91
N VAL A 557 -6.06 3.40 -27.67
CA VAL A 557 -6.83 4.65 -27.75
C VAL A 557 -6.30 5.68 -26.77
N MET A 558 -6.24 5.30 -25.49
CA MET A 558 -5.74 6.21 -24.47
C MET A 558 -4.34 6.71 -24.79
N SER A 559 -3.48 5.81 -25.28
CA SER A 559 -2.12 6.21 -25.66
C SER A 559 -2.16 7.25 -26.78
N GLY A 560 -3.04 7.07 -27.75
CA GLY A 560 -3.14 8.02 -28.85
C GLY A 560 -3.59 9.40 -28.39
N VAL A 561 -4.57 9.46 -27.49
CA VAL A 561 -5.05 10.75 -26.98
C VAL A 561 -3.93 11.44 -26.21
N LEU A 562 -3.18 10.69 -25.41
CA LEU A 562 -2.10 11.28 -24.62
C LEU A 562 -1.02 11.88 -25.52
N LEU A 563 -0.61 11.17 -26.57
CA LEU A 563 0.40 11.71 -27.47
C LEU A 563 -0.12 12.94 -28.20
N GLY A 564 -1.39 12.92 -28.64
CA GLY A 564 -1.92 14.08 -29.32
C GLY A 564 -1.97 15.31 -28.43
N MET A 565 -2.43 15.14 -27.19
CA MET A 565 -2.50 16.25 -26.26
C MET A 565 -1.11 16.77 -25.90
N LEU A 566 -0.14 15.86 -25.74
CA LEU A 566 1.21 16.29 -25.40
C LEU A 566 1.80 17.17 -26.49
N HIS A 567 1.58 16.79 -27.76
CA HIS A 567 2.10 17.58 -28.87
C HIS A 567 1.56 19.00 -28.87
N ILE A 568 0.27 19.15 -28.53
CA ILE A 568 -0.32 20.49 -28.42
C ILE A 568 0.36 21.29 -27.31
N MET A 569 0.56 20.66 -26.14
CA MET A 569 0.95 21.33 -24.90
C MET A 569 2.20 22.17 -25.06
N PRO A 570 2.36 23.21 -24.25
CA PRO A 570 3.61 23.97 -24.21
C PRO A 570 4.65 23.23 -23.40
N GLU A 571 5.89 23.72 -23.46
CA GLU A 571 6.99 23.11 -22.73
C GLU A 571 6.64 22.96 -21.26
N TRP A 572 6.99 21.82 -20.69
CA TRP A 572 6.68 21.50 -19.31
C TRP A 572 7.59 22.20 -18.32
N SER A 573 8.42 23.13 -18.79
CA SER A 573 9.22 23.99 -17.93
C SER A 573 8.63 25.39 -17.78
N LEU A 574 7.77 25.80 -18.70
CA LEU A 574 7.18 27.14 -18.65
C LEU A 574 6.28 27.27 -17.42
N GLY A 575 6.51 28.33 -16.65
CA GLY A 575 5.70 28.64 -15.49
C GLY A 575 6.20 28.01 -14.22
N THR A 576 5.52 28.37 -13.12
CA THR A 576 5.82 27.85 -11.80
C THR A 576 5.25 26.44 -11.63
N MET A 577 5.43 25.89 -10.43
CA MET A 577 4.92 24.56 -10.14
C MET A 577 3.40 24.44 -10.29
N PRO A 578 2.58 25.40 -9.84
CA PRO A 578 1.13 25.20 -9.97
C PRO A 578 0.68 25.08 -11.41
N TRP A 579 1.18 25.97 -12.29
CA TRP A 579 0.74 25.94 -13.68
C TRP A 579 1.25 24.70 -14.39
N ARG A 580 2.46 24.24 -14.07
CA ARG A 580 2.95 23.01 -14.68
C ARG A 580 2.07 21.84 -14.26
N LEU A 581 1.68 21.80 -12.99
CA LEU A 581 0.86 20.73 -12.46
C LEU A 581 -0.60 20.88 -12.86
N LEU A 582 -1.03 22.05 -13.32
CA LEU A 582 -2.40 22.18 -13.81
C LEU A 582 -2.49 21.87 -15.29
N ARG A 583 -1.34 21.87 -15.98
CA ARG A 583 -1.32 21.36 -17.35
C ARG A 583 -1.29 19.84 -17.30
N LEU A 584 -0.58 19.32 -16.30
CA LEU A 584 -0.51 17.88 -16.08
C LEU A 584 -1.88 17.31 -15.71
N MET A 585 -2.62 18.01 -14.83
CA MET A 585 -3.97 17.57 -14.50
C MET A 585 -4.85 17.56 -15.74
N ALA A 586 -4.70 18.56 -16.61
CA ALA A 586 -5.45 18.58 -17.86
C ALA A 586 -5.16 17.31 -18.67
N VAL A 587 -3.88 17.05 -18.93
CA VAL A 587 -3.52 15.90 -19.77
C VAL A 587 -3.92 14.59 -19.10
N VAL A 588 -3.74 14.49 -17.78
CA VAL A 588 -4.06 13.27 -17.06
C VAL A 588 -5.55 12.98 -17.13
N LEU A 589 -6.37 13.93 -16.66
CA LEU A 589 -7.82 13.73 -16.68
C LEU A 589 -8.34 13.46 -18.08
N ALA A 590 -7.78 14.13 -19.09
CA ALA A 590 -8.18 13.87 -20.47
C ALA A 590 -7.88 12.43 -20.88
N GLY A 591 -6.66 11.97 -20.60
CA GLY A 591 -6.30 10.61 -20.96
C GLY A 591 -7.14 9.58 -20.24
N ILE A 592 -7.44 9.85 -18.96
CA ILE A 592 -8.24 8.91 -18.17
C ILE A 592 -9.66 8.85 -18.72
N ALA A 593 -10.30 10.01 -18.89
CA ALA A 593 -11.63 10.05 -19.49
C ALA A 593 -11.66 9.40 -20.86
N ALA A 594 -10.60 9.59 -21.65
CA ALA A 594 -10.53 8.95 -22.96
C ALA A 594 -10.46 7.44 -22.85
N TYR A 595 -9.70 6.92 -21.87
CA TYR A 595 -9.64 5.47 -21.68
C TYR A 595 -11.01 4.90 -21.35
N PHE A 596 -11.73 5.51 -20.40
CA PHE A 596 -13.05 5.00 -20.04
C PHE A 596 -14.02 5.14 -21.21
N ALA A 597 -13.90 6.22 -21.98
CA ALA A 597 -14.74 6.39 -23.16
C ALA A 597 -14.52 5.24 -24.13
N ALA A 598 -13.26 4.94 -24.44
CA ALA A 598 -12.93 3.81 -25.30
C ALA A 598 -13.55 2.52 -24.78
N LEU A 599 -13.33 2.23 -23.48
CA LEU A 599 -13.92 1.04 -22.88
C LEU A 599 -15.43 0.97 -23.12
N ALA A 600 -16.14 2.05 -22.78
CA ALA A 600 -17.59 2.06 -22.93
C ALA A 600 -18.00 1.78 -24.38
N VAL A 601 -17.31 2.42 -25.33
CA VAL A 601 -17.58 2.12 -26.74
C VAL A 601 -17.17 0.69 -27.08
N LEU A 602 -16.10 0.18 -26.45
CA LEU A 602 -15.63 -1.16 -26.76
C LEU A 602 -16.35 -2.28 -25.99
N GLY A 603 -17.68 -2.26 -25.99
CA GLY A 603 -18.41 -3.31 -25.30
C GLY A 603 -18.06 -3.54 -23.85
N PHE A 604 -18.01 -2.49 -23.03
CA PHE A 604 -17.64 -2.62 -21.63
C PHE A 604 -18.69 -1.93 -20.78
N LYS A 605 -18.76 -2.33 -19.51
CA LYS A 605 -19.77 -1.82 -18.60
C LYS A 605 -19.43 -0.41 -18.13
N VAL A 606 -20.41 0.23 -17.50
CA VAL A 606 -20.21 1.54 -16.90
C VAL A 606 -20.80 1.59 -15.49
N LYS A 607 -21.48 0.52 -15.08
CA LYS A 607 -22.11 0.53 -13.76
C LYS A 607 -21.04 0.54 -12.68
N GLU A 608 -21.12 1.52 -11.78
CA GLU A 608 -20.17 1.60 -10.68
C GLU A 608 -20.91 1.76 -9.36
N PHE A 609 -20.46 1.00 -8.36
CA PHE A 609 -21.03 1.04 -7.03
C PHE A 609 -19.91 1.14 -6.00
N ALA A 610 -20.29 1.49 -4.76
CA ALA A 610 -19.34 1.76 -3.70
C ALA A 610 -18.31 2.82 -4.10
P PO4 B . -27.35 -9.93 17.99
O1 PO4 B . -26.47 -8.84 18.52
O2 PO4 B . -27.86 -9.54 16.62
O3 PO4 B . -26.52 -11.20 17.86
O4 PO4 B . -28.50 -10.17 18.93
#